data_3SXL
#
_entry.id   3SXL
#
_cell.length_a   50.910
_cell.length_b   124.470
_cell.length_c   50.930
_cell.angle_alpha   90.00
_cell.angle_beta   120.00
_cell.angle_gamma   90.00
#
_symmetry.space_group_name_H-M   'P 1 21 1'
#
_entity_poly.entity_id   1
_entity_poly.type   'polypeptide(L)'
_entity_poly.pdbx_seq_one_letter_code
;(MSE)ESDDLMNDPRASNTNLIVNYLPQD(MSE)TDRELYALFRAIGPINTCRI(MSE)RDYKTGYSFGYAFVDFTSE
(MSE)DSQRAIKVLNGITVRNKRLKVSYARPGGESIKDTNLYVTNLPRTITDDQLDTIFGKYGSIVQKNILRDKLTGRPR
GVAFVRYNKREEAQEAISALNNVIPEGGSQPLSVRLAEEHGK
;
_entity_poly.pdbx_strand_id   A,B,C
#
# COMPACT_ATOMS: atom_id res chain seq x y z
N ASN A 14 -16.11 8.25 29.13
CA ASN A 14 -16.52 8.72 27.78
C ASN A 14 -16.11 7.75 26.66
N THR A 15 -17.13 7.25 25.99
CA THR A 15 -17.02 6.30 24.89
C THR A 15 -17.25 6.92 23.49
N ASN A 16 -17.73 8.15 23.46
CA ASN A 16 -18.02 8.80 22.19
C ASN A 16 -16.88 9.40 21.40
N LEU A 17 -16.59 8.76 20.27
CA LEU A 17 -15.53 9.18 19.37
C LEU A 17 -16.10 9.93 18.22
N ILE A 18 -15.22 10.62 17.49
CA ILE A 18 -15.59 11.35 16.30
C ILE A 18 -14.54 10.88 15.33
N VAL A 19 -14.96 10.59 14.12
CA VAL A 19 -14.06 10.12 13.10
C VAL A 19 -14.05 11.16 11.99
N ASN A 20 -12.87 11.58 11.55
CA ASN A 20 -12.77 12.58 10.52
C ASN A 20 -12.16 12.19 9.21
N TYR A 21 -12.45 13.02 8.22
CA TYR A 21 -11.94 12.86 6.89
C TYR A 21 -12.35 11.53 6.31
N LEU A 22 -13.64 11.22 6.38
CA LEU A 22 -14.15 10.00 5.79
C LEU A 22 -14.25 10.17 4.28
N PRO A 23 -13.90 9.11 3.55
CA PRO A 23 -13.99 9.24 2.09
C PRO A 23 -15.45 9.61 1.87
N GLN A 24 -15.66 10.48 0.91
CA GLN A 24 -16.98 10.96 0.60
C GLN A 24 -18.00 9.83 0.38
N ASP A 25 -17.53 8.64 0.02
CA ASP A 25 -18.47 7.56 -0.30
C ASP A 25 -18.63 6.45 0.71
N THR A 27 -19.89 4.16 3.88
CA THR A 27 -21.14 3.75 4.46
C THR A 27 -21.14 3.56 5.95
N ASP A 28 -22.22 4.01 6.59
CA ASP A 28 -22.35 3.90 8.03
C ASP A 28 -22.07 2.41 8.39
N ARG A 29 -22.40 1.51 7.47
CA ARG A 29 -22.17 0.06 7.65
C ARG A 29 -20.71 -0.25 7.62
N GLU A 30 -20.07 0.23 6.58
CA GLU A 30 -18.65 0.03 6.36
C GLU A 30 -17.85 0.60 7.52
N LEU A 31 -18.28 1.76 8.00
CA LEU A 31 -17.63 2.39 9.12
C LEU A 31 -17.73 1.45 10.31
N TYR A 32 -18.93 0.92 10.54
CA TYR A 32 -19.21 -0.02 11.62
C TYR A 32 -18.27 -1.20 11.56
N ALA A 33 -18.22 -1.87 10.43
CA ALA A 33 -17.32 -2.99 10.28
C ALA A 33 -15.93 -2.57 10.78
N LEU A 34 -15.48 -1.40 10.33
CA LEU A 34 -14.18 -0.88 10.72
C LEU A 34 -14.01 -0.92 12.23
N PHE A 35 -14.88 -0.22 12.94
CA PHE A 35 -14.76 -0.15 14.40
C PHE A 35 -15.24 -1.35 15.20
N ARG A 36 -16.04 -2.22 14.57
CA ARG A 36 -16.56 -3.37 15.29
C ARG A 36 -15.42 -4.34 15.61
N ALA A 37 -14.33 -4.21 14.88
CA ALA A 37 -13.20 -5.07 15.14
C ALA A 37 -12.66 -4.87 16.57
N ILE A 38 -12.89 -3.68 17.12
CA ILE A 38 -12.37 -3.40 18.44
C ILE A 38 -13.21 -3.92 19.61
N GLY A 39 -14.49 -3.59 19.61
CA GLY A 39 -15.36 -4.01 20.69
C GLY A 39 -16.77 -3.68 20.25
N PRO A 40 -17.79 -3.89 21.11
CA PRO A 40 -19.22 -3.61 20.84
C PRO A 40 -19.52 -2.12 20.75
N ILE A 41 -20.41 -1.77 19.82
CA ILE A 41 -20.75 -0.38 19.60
C ILE A 41 -22.23 -0.18 19.87
N ASN A 42 -22.60 0.96 20.46
CA ASN A 42 -24.00 1.27 20.78
C ASN A 42 -24.64 1.89 19.58
N THR A 43 -23.89 2.82 19.01
CA THR A 43 -24.27 3.56 17.82
C THR A 43 -23.02 3.87 17.01
N CYS A 44 -23.23 4.04 15.72
CA CYS A 44 -22.14 4.37 14.86
C CYS A 44 -22.87 5.16 13.81
N ARG A 45 -22.56 6.43 13.67
CA ARG A 45 -23.30 7.20 12.69
C ARG A 45 -22.59 8.29 11.90
N ILE A 46 -22.74 8.23 10.58
CA ILE A 46 -22.16 9.22 9.69
C ILE A 46 -23.10 10.39 9.51
N ARG A 48 -24.65 12.99 7.49
CA ARG A 48 -24.90 13.17 6.07
C ARG A 48 -26.23 13.91 5.88
N ASP A 49 -26.43 14.52 4.72
CA ASP A 49 -27.66 15.26 4.39
C ASP A 49 -28.82 14.26 4.26
N TYR A 50 -29.96 14.59 4.86
CA TYR A 50 -31.14 13.72 4.82
C TYR A 50 -31.90 13.78 3.49
N LYS A 51 -31.92 14.93 2.84
CA LYS A 51 -32.60 15.04 1.57
C LYS A 51 -31.57 14.55 0.54
N THR A 52 -30.42 15.22 0.49
CA THR A 52 -29.36 14.84 -0.43
C THR A 52 -28.79 13.45 -0.15
N GLY A 53 -28.19 13.28 1.03
CA GLY A 53 -27.54 12.02 1.38
C GLY A 53 -26.04 12.33 1.38
N TYR A 54 -25.74 13.58 1.03
CA TYR A 54 -24.38 14.10 0.97
C TYR A 54 -23.73 13.86 2.33
N SER A 55 -22.52 13.34 2.33
CA SER A 55 -21.84 13.13 3.58
C SER A 55 -21.00 14.37 3.93
N PHE A 56 -21.16 14.85 5.14
CA PHE A 56 -20.41 16.01 5.59
C PHE A 56 -19.01 15.61 6.03
N GLY A 57 -18.66 14.36 5.70
CA GLY A 57 -17.34 13.82 5.99
C GLY A 57 -16.95 13.34 7.40
N TYR A 58 -17.91 13.09 8.27
CA TYR A 58 -17.54 12.62 9.58
C TYR A 58 -18.64 11.84 10.33
N ALA A 59 -18.24 11.14 11.40
CA ALA A 59 -19.16 10.31 12.16
C ALA A 59 -18.93 10.31 13.63
N PHE A 60 -19.88 9.70 14.33
CA PHE A 60 -19.82 9.58 15.77
C PHE A 60 -20.00 8.13 16.04
N VAL A 61 -18.97 7.55 16.64
CA VAL A 61 -19.00 6.14 16.99
C VAL A 61 -19.00 6.06 18.48
N ASP A 62 -19.82 5.20 19.02
CA ASP A 62 -19.94 5.11 20.45
C ASP A 62 -19.69 3.71 20.93
N PHE A 63 -18.55 3.49 21.58
CA PHE A 63 -18.27 2.15 22.08
C PHE A 63 -19.02 1.92 23.37
N THR A 64 -19.11 0.66 23.74
CA THR A 64 -19.83 0.27 24.91
C THR A 64 -18.95 0.44 26.11
N SER A 65 -17.64 0.41 25.87
CA SER A 65 -16.64 0.56 26.92
C SER A 65 -15.58 1.61 26.56
N GLU A 66 -15.22 2.41 27.57
CA GLU A 66 -14.21 3.48 27.43
C GLU A 66 -12.84 2.90 27.13
N ASP A 68 -12.35 0.47 25.09
CA ASP A 68 -12.38 0.03 23.69
C ASP A 68 -12.33 1.31 22.93
N SER A 69 -13.19 2.22 23.35
CA SER A 69 -13.21 3.51 22.73
C SER A 69 -11.77 4.00 22.73
N GLN A 70 -11.07 3.67 23.80
CA GLN A 70 -9.69 4.09 23.96
C GLN A 70 -8.73 3.38 23.04
N ARG A 71 -9.06 2.16 22.66
CA ARG A 71 -8.19 1.39 21.77
C ARG A 71 -8.46 1.76 20.30
N ALA A 72 -9.73 2.06 19.99
CA ALA A 72 -10.08 2.42 18.64
C ALA A 72 -9.21 3.58 18.27
N ILE A 73 -9.00 4.50 19.19
CA ILE A 73 -8.14 5.62 18.84
C ILE A 73 -6.71 5.20 18.50
N LYS A 74 -6.06 4.53 19.46
CA LYS A 74 -4.67 4.07 19.30
C LYS A 74 -4.51 3.33 18.00
N VAL A 75 -5.49 2.49 17.68
CA VAL A 75 -5.48 1.65 16.48
C VAL A 75 -5.90 2.29 15.16
N LEU A 76 -7.01 2.97 15.17
CA LEU A 76 -7.53 3.53 13.95
C LEU A 76 -7.16 4.99 13.65
N ASN A 77 -6.89 5.80 14.67
CA ASN A 77 -6.55 7.15 14.32
C ASN A 77 -5.35 7.12 13.43
N GLY A 78 -5.48 7.68 12.23
CA GLY A 78 -4.34 7.73 11.35
C GLY A 78 -4.32 6.75 10.20
N ILE A 79 -5.26 5.82 10.12
CA ILE A 79 -5.21 4.90 8.98
C ILE A 79 -5.78 5.55 7.73
N THR A 80 -5.29 5.06 6.59
CA THR A 80 -5.68 5.55 5.28
C THR A 80 -6.47 4.57 4.47
N VAL A 81 -7.78 4.82 4.38
CA VAL A 81 -8.62 4.02 3.53
C VAL A 81 -9.10 4.93 2.37
N ARG A 82 -9.05 4.46 1.15
CA ARG A 82 -9.47 5.25 0.00
C ARG A 82 -8.90 6.70 -0.14
N ASN A 83 -7.60 6.88 0.14
CA ASN A 83 -6.95 8.19 -0.02
C ASN A 83 -7.25 9.26 1.04
N LYS A 84 -8.11 8.94 1.99
CA LYS A 84 -8.44 9.88 3.04
C LYS A 84 -7.74 9.38 4.32
N ARG A 85 -7.10 10.28 5.08
CA ARG A 85 -6.41 9.87 6.30
C ARG A 85 -7.29 10.11 7.54
N LEU A 86 -7.83 9.01 8.06
CA LEU A 86 -8.72 9.06 9.21
C LEU A 86 -8.20 9.62 10.47
N LYS A 87 -9.13 10.06 11.28
CA LYS A 87 -8.74 10.60 12.53
C LYS A 87 -9.78 10.28 13.54
N VAL A 88 -9.40 9.46 14.48
CA VAL A 88 -10.29 9.04 15.53
C VAL A 88 -9.95 9.75 16.81
N SER A 89 -10.90 10.48 17.36
CA SER A 89 -10.68 11.20 18.60
C SER A 89 -11.97 11.29 19.40
N TYR A 90 -11.86 11.76 20.62
CA TYR A 90 -13.01 11.92 21.52
C TYR A 90 -13.94 13.10 21.18
N ALA A 91 -15.22 12.95 21.49
CA ALA A 91 -16.16 14.03 21.26
C ALA A 91 -16.18 14.87 22.55
N ARG A 92 -16.19 14.24 23.72
CA ARG A 92 -16.18 15.00 24.97
C ARG A 92 -14.95 14.64 25.80
N PRO A 93 -13.83 15.36 25.57
CA PRO A 93 -12.52 15.22 26.22
C PRO A 93 -12.35 15.54 27.72
N GLU A 96 -9.06 24.24 27.27
CA GLU A 96 -9.14 24.44 28.75
C GLU A 96 -8.42 23.29 29.44
N SER A 97 -8.96 22.09 29.28
CA SER A 97 -8.37 20.89 29.87
C SER A 97 -6.89 20.68 29.44
N ILE A 98 -6.44 21.50 28.48
CA ILE A 98 -5.07 21.46 27.97
C ILE A 98 -4.79 22.92 27.64
N LYS A 99 -5.56 23.77 28.29
CA LYS A 99 -5.47 25.20 28.09
C LYS A 99 -5.50 25.95 29.43
N ASP A 100 -5.77 25.19 30.49
CA ASP A 100 -5.83 25.69 31.86
C ASP A 100 -5.34 24.49 32.66
N THR A 101 -5.17 23.40 31.90
CA THR A 101 -4.72 22.12 32.41
C THR A 101 -3.54 21.67 31.51
N ASN A 102 -2.73 22.66 31.13
CA ASN A 102 -1.54 22.47 30.31
C ASN A 102 -0.42 23.36 30.80
N LEU A 103 0.58 22.75 31.41
CA LEU A 103 1.70 23.47 32.00
C LEU A 103 2.97 23.44 31.15
N TYR A 104 3.71 24.55 31.16
CA TYR A 104 4.97 24.57 30.44
C TYR A 104 6.09 24.66 31.45
N VAL A 105 6.94 23.64 31.50
CA VAL A 105 8.06 23.62 32.46
C VAL A 105 9.42 23.92 31.83
N THR A 106 10.21 24.77 32.48
CA THR A 106 11.52 25.08 31.93
C THR A 106 12.54 25.04 33.05
N ASN A 107 13.79 25.17 32.62
CA ASN A 107 14.95 25.14 33.48
C ASN A 107 15.15 23.79 34.18
N LEU A 108 14.72 22.75 33.49
CA LEU A 108 14.85 21.39 33.96
C LEU A 108 16.29 20.93 33.75
N PRO A 109 16.62 19.75 34.31
CA PRO A 109 17.93 19.11 34.21
C PRO A 109 18.04 18.51 32.81
N ARG A 110 19.07 18.89 32.05
CA ARG A 110 19.25 18.33 30.69
C ARG A 110 19.57 16.82 30.77
N THR A 111 19.43 16.24 31.98
CA THR A 111 19.67 14.82 32.22
C THR A 111 18.36 14.21 32.65
N ILE A 112 17.32 15.03 32.66
CA ILE A 112 16.01 14.59 33.11
C ILE A 112 15.26 13.62 32.21
N THR A 113 14.57 12.69 32.87
CA THR A 113 13.77 11.63 32.25
C THR A 113 12.36 11.61 32.88
N ASP A 114 11.39 11.02 32.18
CA ASP A 114 10.01 10.97 32.69
C ASP A 114 9.85 10.48 34.14
N ASP A 115 10.66 9.52 34.55
CA ASP A 115 10.58 8.99 35.91
C ASP A 115 10.66 10.15 36.90
N GLN A 116 11.79 10.88 36.84
CA GLN A 116 12.07 12.02 37.70
C GLN A 116 10.97 13.05 37.48
N LEU A 117 10.53 13.15 36.25
CA LEU A 117 9.48 14.08 35.87
C LEU A 117 8.22 13.68 36.58
N ASP A 118 7.83 12.43 36.34
CA ASP A 118 6.66 11.82 36.96
C ASP A 118 6.77 11.87 38.50
N THR A 119 7.92 11.45 39.01
CA THR A 119 8.22 11.45 40.44
C THR A 119 8.02 12.85 41.02
N ILE A 120 7.96 13.84 40.14
CA ILE A 120 7.79 15.20 40.53
C ILE A 120 6.39 15.77 40.39
N PHE A 121 5.70 15.33 39.35
CA PHE A 121 4.36 15.82 39.09
C PHE A 121 3.17 15.03 39.61
N GLY A 122 3.26 13.70 39.60
CA GLY A 122 2.15 12.86 40.06
C GLY A 122 1.77 13.23 41.47
N LYS A 123 2.68 13.96 42.09
CA LYS A 123 2.56 14.43 43.45
C LYS A 123 1.36 15.34 43.60
N TYR A 124 1.02 15.97 42.48
CA TYR A 124 -0.06 16.95 42.36
C TYR A 124 -1.29 16.49 41.64
N GLY A 125 -1.27 15.30 41.11
CA GLY A 125 -2.45 14.88 40.44
C GLY A 125 -2.16 14.03 39.26
N SER A 126 -3.25 13.53 38.72
CA SER A 126 -3.23 12.67 37.57
C SER A 126 -2.42 13.38 36.51
N ILE A 127 -1.43 12.69 35.94
CA ILE A 127 -0.61 13.30 34.89
C ILE A 127 -1.04 12.77 33.52
N VAL A 128 -2.04 13.44 32.97
CA VAL A 128 -2.63 13.05 31.70
C VAL A 128 -1.73 13.08 30.49
N GLN A 129 -0.48 13.47 30.65
CA GLN A 129 0.43 13.51 29.53
C GLN A 129 1.61 14.34 29.81
N LYS A 130 2.77 13.74 29.64
CA LYS A 130 4.03 14.43 29.84
C LYS A 130 4.77 14.41 28.49
N ASN A 131 5.52 15.48 28.23
CA ASN A 131 6.25 15.60 26.98
C ASN A 131 7.62 16.29 27.11
N ILE A 132 8.70 15.51 27.16
CA ILE A 132 10.05 16.09 27.28
C ILE A 132 10.64 16.49 25.93
N LEU A 133 10.80 17.79 25.71
CA LEU A 133 11.37 18.28 24.46
C LEU A 133 12.86 17.97 24.41
N ARG A 134 13.25 17.20 23.38
CA ARG A 134 14.62 16.80 23.16
C ARG A 134 15.22 17.56 21.99
N ASP A 135 16.52 17.36 21.76
CA ASP A 135 17.19 18.01 20.67
C ASP A 135 17.00 17.13 19.44
N LYS A 136 16.69 17.77 18.33
CA LYS A 136 16.47 17.06 17.08
C LYS A 136 17.76 16.35 16.70
N LEU A 137 18.79 17.14 16.46
CA LEU A 137 20.10 16.63 16.09
C LEU A 137 20.62 15.72 17.20
N THR A 138 20.85 16.33 18.35
CA THR A 138 21.43 15.66 19.51
C THR A 138 20.58 14.70 20.33
N GLY A 139 19.25 14.86 20.30
CA GLY A 139 18.43 13.97 21.08
C GLY A 139 18.54 14.14 22.59
N ARG A 140 19.58 14.82 23.09
CA ARG A 140 19.62 15.01 24.54
C ARG A 140 18.44 15.95 24.79
N PRO A 141 17.82 15.84 25.95
CA PRO A 141 16.72 16.77 26.11
C PRO A 141 17.25 18.14 26.34
N ARG A 142 16.34 19.01 26.74
CA ARG A 142 16.63 20.39 27.05
C ARG A 142 15.97 20.59 28.44
N GLY A 143 16.07 21.81 28.99
CA GLY A 143 15.48 22.07 30.30
C GLY A 143 13.98 22.28 30.26
N VAL A 144 13.38 22.11 29.09
CA VAL A 144 11.96 22.30 28.93
C VAL A 144 11.17 21.01 28.66
N ALA A 145 9.87 21.08 28.88
CA ALA A 145 8.95 19.97 28.65
C ALA A 145 7.55 20.47 28.93
N PHE A 146 6.58 19.62 28.62
CA PHE A 146 5.17 19.95 28.83
C PHE A 146 4.50 18.91 29.72
N VAL A 147 3.66 19.36 30.63
CA VAL A 147 2.92 18.43 31.47
C VAL A 147 1.50 18.95 31.64
N ARG A 148 0.53 18.23 31.07
CA ARG A 148 -0.85 18.64 31.20
C ARG A 148 -1.51 17.73 32.23
N TYR A 149 -2.20 18.35 33.19
CA TYR A 149 -2.90 17.59 34.22
C TYR A 149 -4.32 17.30 33.74
N ASN A 150 -5.22 17.01 34.70
CA ASN A 150 -6.62 16.68 34.42
C ASN A 150 -7.57 17.80 34.93
N LYS A 151 -7.34 18.21 36.17
CA LYS A 151 -8.11 19.27 36.79
C LYS A 151 -7.14 20.45 36.82
N ARG A 152 -7.62 21.62 36.40
CA ARG A 152 -6.80 22.82 36.40
C ARG A 152 -6.36 23.07 37.84
N GLU A 153 -7.02 22.36 38.75
CA GLU A 153 -6.75 22.48 40.18
C GLU A 153 -5.40 21.88 40.64
N GLU A 154 -5.06 20.70 40.10
CA GLU A 154 -3.80 20.06 40.45
C GLU A 154 -2.74 20.96 39.81
N ALA A 155 -2.99 21.24 38.53
CA ALA A 155 -2.15 22.10 37.71
C ALA A 155 -1.85 23.32 38.55
N GLN A 156 -2.89 23.92 39.11
CA GLN A 156 -2.70 25.08 39.95
C GLN A 156 -1.91 24.83 41.24
N GLU A 157 -2.12 23.69 41.89
CA GLU A 157 -1.38 23.39 43.12
C GLU A 157 0.07 23.15 42.71
N ALA A 158 0.26 22.64 41.49
CA ALA A 158 1.58 22.39 40.93
C ALA A 158 2.30 23.73 40.73
N ILE A 159 1.67 24.66 40.03
CA ILE A 159 2.29 25.95 39.78
C ILE A 159 2.71 26.73 41.02
N SER A 160 1.92 26.67 42.08
CA SER A 160 2.28 27.41 43.29
C SER A 160 3.47 26.71 43.93
N ALA A 161 3.32 25.39 44.03
CA ALA A 161 4.34 24.54 44.61
C ALA A 161 5.70 24.55 43.92
N LEU A 162 5.72 24.07 42.69
CA LEU A 162 6.94 23.91 41.90
C LEU A 162 7.76 25.05 41.29
N ASN A 163 7.26 26.28 41.29
CA ASN A 163 8.07 27.35 40.74
C ASN A 163 9.34 27.60 41.57
N ASN A 164 10.49 27.42 40.92
CA ASN A 164 11.82 27.54 41.55
C ASN A 164 12.16 26.33 42.51
N VAL A 165 12.60 25.13 42.06
CA VAL A 165 12.85 24.02 43.01
C VAL A 165 13.09 24.54 44.42
N PRO A 173 16.03 25.29 41.33
CA PRO A 173 15.76 25.96 40.03
C PRO A 173 14.53 25.29 39.35
N LEU A 174 13.75 26.07 38.58
CA LEU A 174 12.55 25.58 37.82
C LEU A 174 11.50 26.59 37.67
N SER A 175 10.76 26.51 36.58
CA SER A 175 9.67 27.44 36.35
C SER A 175 8.54 26.77 35.60
N VAL A 176 7.34 26.92 36.17
CA VAL A 176 6.11 26.35 35.61
C VAL A 176 5.01 27.37 35.35
N ARG A 177 4.21 27.12 34.32
CA ARG A 177 3.14 28.02 34.00
C ARG A 177 2.35 27.35 32.88
N LEU A 178 1.33 28.04 32.39
CA LEU A 178 0.52 27.46 31.33
C LEU A 178 0.99 27.82 29.91
N ALA A 179 0.38 27.18 28.92
CA ALA A 179 0.66 27.46 27.51
C ALA A 179 0.84 28.98 27.37
N ASN B 14 5.88 -0.33 11.91
CA ASN B 14 4.49 -0.56 11.42
C ASN B 14 4.35 -1.86 10.63
N THR B 15 3.51 -2.73 11.18
CA THR B 15 3.22 -4.04 10.62
C THR B 15 1.85 -4.15 9.94
N ASN B 16 1.00 -3.14 10.12
CA ASN B 16 -0.34 -3.16 9.55
C ASN B 16 -0.52 -2.84 8.08
N LEU B 17 -0.88 -3.86 7.33
CA LEU B 17 -1.10 -3.75 5.90
C LEU B 17 -2.56 -3.66 5.61
N ILE B 18 -2.87 -3.28 4.38
CA ILE B 18 -4.24 -3.21 3.89
C ILE B 18 -4.13 -3.91 2.57
N VAL B 19 -5.09 -4.76 2.30
CA VAL B 19 -5.10 -5.50 1.07
C VAL B 19 -6.33 -5.08 0.31
N ASN B 20 -6.16 -4.74 -0.96
CA ASN B 20 -7.28 -4.30 -1.77
C ASN B 20 -7.67 -5.15 -2.94
N TYR B 21 -8.90 -4.90 -3.39
CA TYR B 21 -9.50 -5.58 -4.51
C TYR B 21 -9.57 -7.06 -4.30
N LEU B 22 -10.09 -7.46 -3.14
CA LEU B 22 -10.28 -8.87 -2.86
C LEU B 22 -11.47 -9.39 -3.66
N PRO B 23 -11.34 -10.61 -4.16
CA PRO B 23 -12.47 -11.14 -4.92
C PRO B 23 -13.59 -11.11 -3.91
N GLN B 24 -14.77 -10.78 -4.40
CA GLN B 24 -15.93 -10.67 -3.56
C GLN B 24 -16.17 -11.90 -2.69
N ASP B 25 -15.65 -13.07 -3.07
CA ASP B 25 -15.92 -14.29 -2.32
C ASP B 25 -14.82 -14.84 -1.44
N THR B 27 -12.31 -15.62 1.71
CA THR B 27 -12.44 -15.88 3.11
C THR B 27 -11.28 -15.40 3.97
N ASP B 28 -11.63 -14.82 5.12
CA ASP B 28 -10.64 -14.31 6.05
C ASP B 28 -9.58 -15.44 6.23
N ARG B 29 -10.03 -16.69 6.17
CA ARG B 29 -9.16 -17.87 6.30
C ARG B 29 -8.23 -17.98 5.15
N GLU B 30 -8.83 -17.94 3.96
CA GLU B 30 -8.09 -18.03 2.73
C GLU B 30 -7.08 -16.92 2.62
N LEU B 31 -7.47 -15.73 3.05
CA LEU B 31 -6.58 -14.60 3.03
C LEU B 31 -5.39 -14.90 3.92
N TYR B 32 -5.67 -15.42 5.12
CA TYR B 32 -4.65 -15.82 6.10
C TYR B 32 -3.66 -16.77 5.48
N ALA B 33 -4.15 -17.85 4.92
CA ALA B 33 -3.26 -18.79 4.28
C ALA B 33 -2.31 -18.03 3.34
N LEU B 34 -2.87 -17.14 2.53
CA LEU B 34 -2.10 -16.34 1.61
C LEU B 34 -0.92 -15.68 2.31
N PHE B 35 -1.20 -14.85 3.30
CA PHE B 35 -0.13 -14.14 4.01
C PHE B 35 0.67 -14.92 5.04
N ARG B 36 0.16 -16.06 5.48
CA ARG B 36 0.87 -16.83 6.48
C ARG B 36 2.14 -17.41 5.87
N ALA B 37 2.20 -17.46 4.55
CA ALA B 37 3.39 -17.99 3.91
C ALA B 37 4.60 -17.10 4.23
N ILE B 38 4.36 -15.83 4.54
CA ILE B 38 5.46 -14.93 4.79
C ILE B 38 6.05 -14.99 6.20
N GLY B 39 5.18 -14.86 7.20
CA GLY B 39 5.64 -14.86 8.58
C GLY B 39 4.41 -14.93 9.44
N PRO B 40 4.53 -14.86 10.79
CA PRO B 40 3.41 -14.92 11.74
C PRO B 40 2.53 -13.67 11.71
N ILE B 41 1.23 -13.88 11.86
CA ILE B 41 0.27 -12.80 11.79
C ILE B 41 -0.44 -12.68 13.13
N ASN B 42 -0.71 -11.45 13.58
CA ASN B 42 -1.41 -11.21 14.84
C ASN B 42 -2.90 -11.30 14.63
N THR B 43 -3.30 -10.63 13.55
CA THR B 43 -4.68 -10.54 13.10
C THR B 43 -4.70 -10.48 11.57
N CYS B 44 -5.80 -10.91 11.02
CA CYS B 44 -5.93 -10.87 9.60
C CYS B 44 -7.41 -10.73 9.49
N ARG B 45 -7.88 -9.62 8.95
CA ARG B 45 -9.33 -9.46 8.88
C ARG B 45 -9.95 -8.75 7.70
N ILE B 46 -10.94 -9.40 7.12
CA ILE B 46 -11.66 -8.83 5.98
C ILE B 46 -12.83 -8.00 6.45
N ARG B 48 -16.25 -6.79 6.20
CA ARG B 48 -17.47 -7.28 5.58
C ARG B 48 -18.67 -6.89 6.45
N ASP B 49 -19.86 -6.88 5.87
CA ASP B 49 -21.10 -6.54 6.57
C ASP B 49 -21.40 -7.62 7.61
N TYR B 50 -21.76 -7.23 8.84
CA TYR B 50 -22.08 -8.16 9.93
C TYR B 50 -23.47 -8.79 9.80
N LYS B 51 -24.44 -8.04 9.28
CA LYS B 51 -25.78 -8.59 9.10
C LYS B 51 -25.70 -9.36 7.77
N THR B 52 -25.38 -8.65 6.70
CA THR B 52 -25.28 -9.25 5.38
C THR B 52 -24.16 -10.28 5.29
N GLY B 53 -22.91 -9.84 5.48
CA GLY B 53 -21.76 -10.72 5.35
C GLY B 53 -21.05 -10.27 4.07
N TYR B 54 -21.66 -9.27 3.43
CA TYR B 54 -21.17 -8.66 2.21
C TYR B 54 -19.75 -8.17 2.48
N SER B 55 -18.83 -8.49 1.56
CA SER B 55 -17.48 -8.04 1.72
C SER B 55 -17.30 -6.70 1.02
N PHE B 56 -16.74 -5.74 1.75
CA PHE B 56 -16.50 -4.41 1.20
C PHE B 56 -15.24 -4.41 0.37
N GLY B 57 -14.75 -5.63 0.09
CA GLY B 57 -13.57 -5.82 -0.74
C GLY B 57 -12.15 -5.56 -0.22
N TYR B 58 -11.96 -5.51 1.09
CA TYR B 58 -10.61 -5.29 1.58
C TYR B 58 -10.37 -5.78 3.01
N ALA B 59 -9.08 -5.89 3.39
CA ALA B 59 -8.71 -6.40 4.69
C ALA B 59 -7.56 -5.73 5.35
N PHE B 60 -7.33 -6.08 6.60
CA PHE B 60 -6.23 -5.54 7.35
C PHE B 60 -5.49 -6.71 7.87
N VAL B 61 -4.25 -6.83 7.46
CA VAL B 61 -3.41 -7.93 7.91
C VAL B 61 -2.35 -7.32 8.73
N ASP B 62 -2.03 -7.96 9.84
CA ASP B 62 -1.06 -7.43 10.75
C ASP B 62 0.04 -8.44 11.02
N PHE B 63 1.23 -8.21 10.49
CA PHE B 63 2.32 -9.13 10.76
C PHE B 63 2.90 -8.86 12.13
N THR B 64 3.67 -9.82 12.59
CA THR B 64 4.26 -9.74 13.89
C THR B 64 5.54 -8.94 13.81
N SER B 65 6.11 -8.92 12.61
CA SER B 65 7.35 -8.20 12.34
C SER B 65 7.25 -7.29 11.11
N GLU B 66 7.81 -6.08 11.23
CA GLU B 66 7.81 -5.08 10.17
C GLU B 66 8.63 -5.57 8.97
N ASP B 68 8.54 -8.57 7.87
CA ASP B 68 7.70 -9.53 7.15
C ASP B 68 6.63 -8.73 6.49
N SER B 69 6.04 -7.86 7.27
CA SER B 69 5.02 -7.00 6.74
C SER B 69 5.63 -6.37 5.49
N GLN B 70 6.92 -6.11 5.55
CA GLN B 70 7.62 -5.50 4.45
C GLN B 70 7.80 -6.42 3.28
N ARG B 71 7.91 -7.71 3.54
CA ARG B 71 8.09 -8.67 2.45
C ARG B 71 6.74 -9.01 1.81
N ALA B 72 5.68 -9.06 2.62
CA ALA B 72 4.36 -9.38 2.11
C ALA B 72 4.08 -8.40 0.99
N ILE B 73 4.44 -7.15 1.19
CA ILE B 73 4.19 -6.20 0.12
C ILE B 73 4.95 -6.54 -1.17
N LYS B 74 6.28 -6.63 -1.08
CA LYS B 74 7.15 -6.92 -2.22
C LYS B 74 6.64 -8.15 -2.96
N VAL B 75 6.24 -9.17 -2.19
CA VAL B 75 5.75 -10.44 -2.72
C VAL B 75 4.31 -10.51 -3.23
N LEU B 76 3.40 -10.06 -2.40
CA LEU B 76 2.01 -10.15 -2.75
C LEU B 76 1.38 -8.94 -3.45
N ASN B 77 1.91 -7.74 -3.23
CA ASN B 77 1.26 -6.65 -3.92
C ASN B 77 1.31 -6.91 -5.39
N GLY B 78 0.15 -6.97 -6.02
CA GLY B 78 0.13 -7.17 -7.46
C GLY B 78 -0.24 -8.54 -7.96
N ILE B 79 -0.42 -9.53 -7.08
CA ILE B 79 -0.80 -10.85 -7.60
C ILE B 79 -2.28 -10.91 -7.92
N THR B 80 -2.60 -11.76 -8.88
CA THR B 80 -3.95 -11.97 -9.38
C THR B 80 -4.54 -13.31 -9.02
N VAL B 81 -5.46 -13.28 -8.07
CA VAL B 81 -6.19 -14.47 -7.71
C VAL B 81 -7.66 -14.20 -8.09
N ARG B 82 -8.30 -15.17 -8.73
CA ARG B 82 -9.69 -15.04 -9.15
C ARG B 82 -10.09 -13.76 -9.92
N ASN B 83 -9.24 -13.30 -10.84
CA ASN B 83 -9.55 -12.13 -11.67
C ASN B 83 -9.44 -10.75 -11.01
N LYS B 84 -9.10 -10.74 -9.73
CA LYS B 84 -8.96 -9.47 -9.04
C LYS B 84 -7.45 -9.25 -8.83
N ARG B 85 -6.95 -8.04 -9.08
CA ARG B 85 -5.52 -7.76 -8.89
C ARG B 85 -5.25 -7.13 -7.52
N LEU B 86 -4.69 -7.94 -6.63
CA LEU B 86 -4.41 -7.50 -5.27
C LEU B 86 -3.48 -6.37 -5.10
N LYS B 87 -3.60 -5.74 -3.95
CA LYS B 87 -2.74 -4.66 -3.67
C LYS B 87 -2.48 -4.62 -2.21
N VAL B 88 -1.24 -4.89 -1.87
CA VAL B 88 -0.83 -4.90 -0.49
C VAL B 88 -0.01 -3.67 -0.18
N SER B 89 -0.48 -2.90 0.77
CA SER B 89 0.21 -1.69 1.17
C SER B 89 0.01 -1.42 2.66
N TYR B 90 0.73 -0.44 3.18
CA TYR B 90 0.64 -0.05 4.57
C TYR B 90 -0.62 0.72 4.97
N ALA B 91 -1.06 0.55 6.21
CA ALA B 91 -2.22 1.31 6.68
C ALA B 91 -1.69 2.63 7.27
N ARG B 92 -0.59 2.57 8.02
CA ARG B 92 -0.03 3.81 8.58
C ARG B 92 1.40 4.01 8.09
N PRO B 93 1.55 4.70 6.95
CA PRO B 93 2.81 5.02 6.24
C PRO B 93 3.82 6.00 6.89
N GLU B 96 1.59 13.95 2.56
CA GLU B 96 2.50 14.77 3.40
C GLU B 96 3.89 14.15 3.36
N SER B 97 3.99 12.94 3.91
CA SER B 97 5.25 12.21 3.95
C SER B 97 5.87 12.01 2.53
N ILE B 98 5.11 12.39 1.49
CA ILE B 98 5.54 12.29 0.10
C ILE B 98 4.83 13.47 -0.54
N LYS B 99 4.48 14.42 0.32
CA LYS B 99 3.78 15.62 -0.10
C LYS B 99 4.39 16.87 0.54
N ASP B 100 5.30 16.63 1.47
CA ASP B 100 6.03 17.67 2.19
C ASP B 100 7.38 17.01 2.42
N THR B 101 7.41 15.74 2.04
CA THR B 101 8.58 14.88 2.15
C THR B 101 8.80 14.22 0.77
N ASN B 102 8.55 15.03 -0.26
CA ASN B 102 8.72 14.65 -1.66
C ASN B 102 9.31 15.80 -2.45
N LEU B 103 10.56 15.65 -2.82
CA LEU B 103 11.31 16.69 -3.53
C LEU B 103 11.44 16.46 -5.04
N TYR B 104 11.37 17.53 -5.82
CA TYR B 104 11.55 17.39 -7.25
C TYR B 104 12.86 18.06 -7.65
N VAL B 105 13.82 17.28 -8.13
CA VAL B 105 15.13 17.82 -8.52
C VAL B 105 15.31 17.99 -10.02
N THR B 106 15.85 19.13 -10.44
CA THR B 106 16.05 19.33 -11.87
C THR B 106 17.43 19.90 -12.09
N ASN B 107 17.79 20.00 -13.36
CA ASN B 107 19.06 20.50 -13.84
C ASN B 107 20.24 19.64 -13.40
N LEU B 108 19.96 18.35 -13.26
CA LEU B 108 20.94 17.35 -12.89
C LEU B 108 21.81 17.02 -14.11
N PRO B 109 22.90 16.27 -13.88
CA PRO B 109 23.83 15.83 -14.90
C PRO B 109 23.17 14.69 -15.67
N ARG B 110 23.03 14.81 -17.00
CA ARG B 110 22.41 13.74 -17.80
C ARG B 110 23.31 12.47 -17.78
N THR B 111 24.34 12.49 -16.92
CA THR B 111 25.25 11.35 -16.76
C THR B 111 25.08 10.85 -15.34
N ILE B 112 24.15 11.45 -14.61
CA ILE B 112 23.93 11.08 -13.22
C ILE B 112 23.27 9.74 -12.96
N THR B 113 23.76 9.10 -11.89
CA THR B 113 23.31 7.79 -11.40
C THR B 113 22.98 7.87 -9.90
N ASP B 114 22.21 6.93 -9.40
CA ASP B 114 21.82 6.93 -7.98
C ASP B 114 22.96 7.12 -6.96
N ASP B 115 24.13 6.54 -7.25
CA ASP B 115 25.26 6.66 -6.35
C ASP B 115 25.51 8.14 -6.06
N GLN B 116 25.80 8.89 -7.13
CA GLN B 116 26.06 10.33 -7.06
C GLN B 116 24.86 11.02 -6.44
N LEU B 117 23.68 10.51 -6.80
CA LEU B 117 22.43 11.04 -6.30
C LEU B 117 22.41 10.84 -4.80
N ASP B 118 22.57 9.57 -4.41
CA ASP B 118 22.61 9.16 -3.02
C ASP B 118 23.74 9.90 -2.27
N THR B 119 24.93 9.89 -2.86
CA THR B 119 26.11 10.56 -2.31
C THR B 119 25.80 12.03 -2.04
N ILE B 120 24.72 12.51 -2.64
CA ILE B 120 24.31 13.88 -2.50
C ILE B 120 23.19 14.14 -1.50
N PHE B 121 22.25 13.22 -1.45
CA PHE B 121 21.10 13.38 -0.58
C PHE B 121 21.15 12.76 0.80
N GLY B 122 21.76 11.57 0.94
CA GLY B 122 21.83 10.90 2.23
C GLY B 122 22.47 11.79 3.27
N LYS B 123 23.10 12.84 2.74
CA LYS B 123 23.79 13.84 3.52
C LYS B 123 22.84 14.56 4.44
N TYR B 124 21.58 14.59 4.01
CA TYR B 124 20.47 15.26 4.67
C TYR B 124 19.45 14.38 5.35
N GLY B 125 19.60 13.08 5.22
CA GLY B 125 18.63 12.27 5.88
C GLY B 125 18.35 11.03 5.13
N SER B 126 17.56 10.22 5.80
CA SER B 126 17.13 8.94 5.29
C SER B 126 16.52 9.20 3.94
N ILE B 127 16.98 8.47 2.91
CA ILE B 127 16.42 8.66 1.57
C ILE B 127 15.45 7.52 1.27
N VAL B 128 14.20 7.74 1.69
CA VAL B 128 13.14 6.77 1.54
C VAL B 128 12.78 6.37 0.12
N GLN B 129 13.42 6.98 -0.88
CA GLN B 129 13.13 6.63 -2.26
C GLN B 129 13.64 7.63 -3.20
N LYS B 130 14.42 7.15 -4.17
CA LYS B 130 14.96 8.01 -5.20
C LYS B 130 14.44 7.48 -6.53
N ASN B 131 14.20 8.40 -7.46
CA ASN B 131 13.68 8.03 -8.77
C ASN B 131 14.24 8.89 -9.93
N ILE B 132 15.22 8.36 -10.67
CA ILE B 132 15.82 9.11 -11.80
C ILE B 132 15.04 8.95 -13.10
N LEU B 133 14.39 10.02 -13.56
CA LEU B 133 13.61 9.97 -14.78
C LEU B 133 14.54 9.84 -16.00
N ARG B 134 14.36 8.75 -16.74
CA ARG B 134 15.16 8.47 -17.93
C ARG B 134 14.33 8.70 -19.19
N ASP B 135 14.97 8.58 -20.34
CA ASP B 135 14.31 8.77 -21.61
C ASP B 135 13.71 7.44 -21.98
N LYS B 136 12.48 7.48 -22.45
CA LYS B 136 11.78 6.27 -22.85
C LYS B 136 12.53 5.63 -23.99
N LEU B 137 12.61 6.36 -25.09
CA LEU B 137 13.29 5.90 -26.29
C LEU B 137 14.75 5.63 -25.97
N THR B 138 15.45 6.71 -25.62
CA THR B 138 16.87 6.70 -25.34
C THR B 138 17.39 6.12 -24.04
N GLY B 139 16.57 6.07 -22.99
CA GLY B 139 17.05 5.51 -21.75
C GLY B 139 18.10 6.35 -21.02
N ARG B 140 18.74 7.29 -21.69
CA ARG B 140 19.70 8.12 -20.96
C ARG B 140 18.82 8.91 -20.01
N PRO B 141 19.33 9.26 -18.85
CA PRO B 141 18.43 10.01 -18.00
C PRO B 141 18.30 11.41 -18.53
N ARG B 142 17.69 12.23 -17.70
CA ARG B 142 17.49 13.63 -17.99
C ARG B 142 18.02 14.34 -16.72
N GLY B 143 17.94 15.68 -16.70
CA GLY B 143 18.43 16.43 -15.54
C GLY B 143 17.47 16.41 -14.37
N VAL B 144 16.38 15.65 -14.50
CA VAL B 144 15.38 15.57 -13.46
C VAL B 144 15.30 14.20 -12.75
N ALA B 145 14.69 14.21 -11.57
CA ALA B 145 14.49 13.02 -10.76
C ALA B 145 13.68 13.41 -9.54
N PHE B 146 13.27 12.41 -8.78
CA PHE B 146 12.51 12.60 -7.55
C PHE B 146 13.22 11.97 -6.35
N VAL B 147 13.20 12.69 -5.23
CA VAL B 147 13.78 12.14 -4.02
C VAL B 147 12.88 12.51 -2.84
N ARG B 148 12.26 11.50 -2.26
CA ARG B 148 11.39 11.73 -1.12
C ARG B 148 12.16 11.30 0.12
N TYR B 149 12.16 12.17 1.13
CA TYR B 149 12.83 11.87 2.40
C TYR B 149 11.82 11.23 3.34
N ASN B 150 12.11 11.29 4.65
CA ASN B 150 11.26 10.69 5.70
C ASN B 150 10.60 11.79 6.58
N LYS B 151 11.44 12.74 7.00
CA LYS B 151 11.01 13.86 7.81
C LYS B 151 11.06 15.03 6.84
N ARG B 152 9.98 15.82 6.81
CA ARG B 152 9.93 16.99 5.95
C ARG B 152 11.09 17.90 6.35
N GLU B 153 11.66 17.60 7.51
CA GLU B 153 12.77 18.38 8.05
C GLU B 153 14.11 18.20 7.30
N GLU B 154 14.43 16.97 6.92
CA GLU B 154 15.65 16.71 6.16
C GLU B 154 15.40 17.36 4.82
N ALA B 155 14.24 17.00 4.26
CA ALA B 155 13.76 17.52 2.98
C ALA B 155 14.00 19.02 3.00
N GLN B 156 13.58 19.66 4.08
CA GLN B 156 13.77 21.10 4.21
C GLN B 156 15.24 21.54 4.30
N GLU B 157 16.07 20.79 5.02
CA GLU B 157 17.49 21.15 5.14
C GLU B 157 18.12 20.95 3.76
N ALA B 158 17.56 19.98 3.02
CA ALA B 158 18.01 19.68 1.67
C ALA B 158 17.71 20.87 0.76
N ILE B 159 16.46 21.31 0.72
CA ILE B 159 16.07 22.42 -0.13
C ILE B 159 16.84 23.71 0.09
N SER B 160 17.18 24.04 1.34
CA SER B 160 17.92 25.26 1.61
C SER B 160 19.35 25.06 1.09
N ALA B 161 19.89 23.92 1.47
CA ALA B 161 21.24 23.55 1.10
C ALA B 161 21.51 23.43 -0.39
N LEU B 162 20.86 22.46 -1.01
CA LEU B 162 21.07 22.11 -2.42
C LEU B 162 20.60 22.97 -3.62
N ASN B 163 19.77 23.99 -3.42
CA ASN B 163 19.37 24.79 -4.56
C ASN B 163 20.56 25.52 -5.18
N ASN B 164 20.81 25.22 -6.45
CA ASN B 164 21.98 25.79 -7.21
C ASN B 164 23.40 25.19 -6.75
N VAL B 165 23.82 23.98 -7.16
CA VAL B 165 25.12 23.43 -6.67
C VAL B 165 26.01 24.55 -6.18
N PRO B 173 25.11 24.24 -10.46
CA PRO B 173 23.75 24.21 -11.03
C PRO B 173 22.88 23.17 -10.29
N LEU B 174 21.56 23.39 -10.21
CA LEU B 174 20.59 22.46 -9.57
C LEU B 174 19.45 23.15 -8.93
N SER B 175 18.29 22.52 -8.94
CA SER B 175 17.12 23.10 -8.29
C SER B 175 16.26 22.04 -7.65
N VAL B 176 15.92 22.28 -6.39
CA VAL B 176 15.09 21.37 -5.58
C VAL B 176 13.85 22.02 -4.96
N ARG B 177 12.80 21.23 -4.84
CA ARG B 177 11.58 21.74 -4.28
C ARG B 177 10.64 20.56 -4.14
N LEU B 178 9.43 20.81 -3.68
CA LEU B 178 8.48 19.72 -3.49
C LEU B 178 7.58 19.46 -4.71
N ALA B 179 6.82 18.37 -4.63
CA ALA B 179 5.86 18.02 -5.68
C ALA B 179 5.20 19.33 -6.16
N ASN C 14 9.72 -12.82 -14.25
CA ASN C 14 8.70 -13.42 -13.35
C ASN C 14 8.62 -14.93 -13.46
N THR C 15 8.92 -15.57 -12.32
CA THR C 15 8.94 -17.01 -12.18
C THR C 15 7.73 -17.59 -11.42
N ASN C 16 6.95 -16.72 -10.79
CA ASN C 16 5.81 -17.15 -10.00
C ASN C 16 4.52 -17.53 -10.72
N LEU C 17 4.22 -18.82 -10.68
CA LEU C 17 3.05 -19.38 -11.31
C LEU C 17 1.99 -19.63 -10.28
N ILE C 18 0.77 -19.87 -10.77
CA ILE C 18 -0.37 -20.19 -9.93
C ILE C 18 -0.92 -21.40 -10.62
N VAL C 19 -1.30 -22.38 -9.85
CA VAL C 19 -1.85 -23.60 -10.41
C VAL C 19 -3.26 -23.71 -9.89
N ASN C 20 -4.22 -23.96 -10.78
CA ASN C 20 -5.60 -24.06 -10.39
C ASN C 20 -6.28 -25.37 -10.58
N TYR C 21 -7.38 -25.51 -9.86
CA TYR C 21 -8.23 -26.68 -9.88
C TYR C 21 -7.49 -27.91 -9.46
N LEU C 22 -6.78 -27.83 -8.34
CA LEU C 22 -6.07 -28.97 -7.80
C LEU C 22 -7.06 -29.94 -7.17
N PRO C 23 -6.82 -31.24 -7.37
CA PRO C 23 -7.75 -32.18 -6.78
C PRO C 23 -7.69 -31.84 -5.31
N GLN C 24 -8.83 -31.92 -4.67
CA GLN C 24 -8.93 -31.58 -3.27
C GLN C 24 -7.91 -32.32 -2.39
N ASP C 25 -7.40 -33.45 -2.84
CA ASP C 25 -6.50 -34.24 -1.99
C ASP C 25 -5.02 -34.20 -2.33
N THR C 27 -1.05 -33.18 -2.53
CA THR C 27 -0.02 -32.81 -1.62
C THR C 27 1.01 -31.85 -2.15
N ASP C 28 1.39 -30.89 -1.32
CA ASP C 28 2.38 -29.89 -1.70
C ASP C 28 3.60 -30.67 -2.27
N ARG C 29 3.83 -31.87 -1.76
CA ARG C 29 4.92 -32.75 -2.21
C ARG C 29 4.69 -33.24 -3.60
N GLU C 30 3.49 -33.79 -3.77
CA GLU C 30 3.07 -34.34 -5.04
C GLU C 30 3.07 -33.27 -6.10
N LEU C 31 2.64 -32.08 -5.73
CA LEU C 31 2.63 -30.96 -6.65
C LEU C 31 4.07 -30.70 -7.09
N TYR C 32 4.98 -30.66 -6.11
CA TYR C 32 6.42 -30.45 -6.33
C TYR C 32 6.96 -31.44 -7.35
N ALA C 33 6.76 -32.73 -7.08
CA ALA C 33 7.21 -33.74 -8.02
C ALA C 33 6.75 -33.36 -9.41
N LEU C 34 5.48 -32.99 -9.55
CA LEU C 34 4.91 -32.60 -10.82
C LEU C 34 5.77 -31.56 -11.51
N PHE C 35 5.98 -30.43 -10.86
CA PHE C 35 6.75 -29.34 -11.47
C PHE C 35 8.27 -29.46 -11.43
N ARG C 36 8.78 -30.35 -10.58
CA ARG C 36 10.23 -30.50 -10.48
C ARG C 36 10.78 -31.11 -11.75
N ALA C 37 9.89 -31.74 -12.52
CA ALA C 37 10.32 -32.34 -13.78
C ALA C 37 10.84 -31.26 -14.73
N ILE C 38 10.37 -30.03 -14.57
CA ILE C 38 10.79 -28.97 -15.47
C ILE C 38 12.14 -28.31 -15.16
N GLY C 39 12.31 -27.88 -13.92
CA GLY C 39 13.54 -27.21 -13.54
C GLY C 39 13.48 -27.05 -12.04
N PRO C 40 14.47 -26.38 -11.40
CA PRO C 40 14.55 -26.15 -9.95
C PRO C 40 13.50 -25.17 -9.45
N ILE C 41 12.97 -25.43 -8.27
CA ILE C 41 11.92 -24.61 -7.70
C ILE C 41 12.40 -24.01 -6.39
N ASN C 42 12.03 -22.76 -6.12
CA ASN C 42 12.43 -22.08 -4.90
C ASN C 42 11.47 -22.42 -3.78
N THR C 43 10.20 -22.37 -4.17
CA THR C 43 9.06 -22.67 -3.31
C THR C 43 7.96 -23.27 -4.15
N CYS C 44 7.15 -24.06 -3.49
CA CYS C 44 6.04 -24.67 -4.17
C CYS C 44 5.07 -24.79 -3.04
N ARG C 45 3.94 -24.11 -3.11
CA ARG C 45 3.02 -24.19 -1.99
C ARG C 45 1.52 -24.13 -2.25
N ILE C 46 0.83 -25.11 -1.68
CA ILE C 46 -0.61 -25.19 -1.79
C ILE C 46 -1.30 -24.37 -0.71
N ARG C 48 -3.92 -23.87 1.74
CA ARG C 48 -4.83 -24.73 2.48
C ARG C 48 -5.05 -24.14 3.88
N ASP C 49 -6.14 -24.54 4.54
CA ASP C 49 -6.48 -24.06 5.89
C ASP C 49 -5.45 -24.60 6.89
N TYR C 50 -4.96 -23.74 7.78
CA TYR C 50 -3.97 -24.13 8.81
C TYR C 50 -4.57 -24.92 9.98
N LYS C 51 -5.80 -24.60 10.36
CA LYS C 51 -6.44 -25.35 11.44
C LYS C 51 -7.01 -26.60 10.77
N THR C 52 -7.90 -26.40 9.80
CA THR C 52 -8.51 -27.52 9.09
C THR C 52 -7.48 -28.34 8.30
N GLY C 53 -6.85 -27.69 7.30
CA GLY C 53 -5.91 -28.38 6.43
C GLY C 53 -6.61 -28.47 5.07
N TYR C 54 -7.84 -27.94 5.05
CA TYR C 54 -8.68 -27.89 3.87
C TYR C 54 -7.92 -27.18 2.77
N SER C 55 -7.93 -27.75 1.57
CA SER C 55 -7.23 -27.11 0.50
C SER C 55 -8.20 -26.18 -0.26
N PHE C 56 -7.78 -24.95 -0.46
CA PHE C 56 -8.61 -23.99 -1.17
C PHE C 56 -8.51 -24.21 -2.67
N GLY C 57 -7.90 -25.33 -3.04
CA GLY C 57 -7.75 -25.70 -4.44
C GLY C 57 -6.69 -25.08 -5.34
N TYR C 58 -5.69 -24.42 -4.78
CA TYR C 58 -4.67 -23.86 -5.64
C TYR C 58 -3.30 -23.63 -4.97
N ALA C 59 -2.27 -23.41 -5.81
CA ALA C 59 -0.92 -23.25 -5.31
C ALA C 59 -0.11 -22.21 -6.02
N PHE C 60 1.06 -21.93 -5.44
CA PHE C 60 1.98 -20.97 -6.01
C PHE C 60 3.28 -21.70 -6.14
N VAL C 61 3.73 -21.83 -7.36
CA VAL C 61 4.99 -22.51 -7.61
C VAL C 61 5.92 -21.46 -8.14
N ASP C 62 7.14 -21.50 -7.66
CA ASP C 62 8.10 -20.49 -8.05
C ASP C 62 9.34 -21.12 -8.64
N PHE C 63 9.53 -21.00 -9.95
CA PHE C 63 10.73 -21.58 -10.53
C PHE C 63 11.90 -20.66 -10.30
N THR C 64 13.08 -21.21 -10.52
CA THR C 64 14.30 -20.49 -10.31
C THR C 64 14.61 -19.65 -11.53
N SER C 65 14.08 -20.10 -12.66
CA SER C 65 14.26 -19.42 -13.93
C SER C 65 12.94 -19.18 -14.66
N GLU C 66 12.81 -17.99 -15.25
CA GLU C 66 11.64 -17.57 -16.00
C GLU C 66 11.46 -18.42 -17.26
N ASP C 68 11.92 -21.60 -17.30
CA ASP C 68 11.37 -22.87 -16.86
C ASP C 68 9.96 -22.60 -16.49
N SER C 69 9.81 -21.54 -15.71
CA SER C 69 8.50 -21.14 -15.32
C SER C 69 7.69 -21.06 -16.61
N GLN C 70 8.34 -20.65 -17.66
CA GLN C 70 7.70 -20.49 -18.94
C GLN C 70 7.36 -21.80 -19.60
N ARG C 71 8.15 -22.83 -19.33
CA ARG C 71 7.90 -24.16 -19.92
C ARG C 71 6.84 -24.92 -19.11
N ALA C 72 6.85 -24.73 -17.80
CA ALA C 72 5.89 -25.41 -16.95
C ALA C 72 4.52 -25.07 -17.50
N ILE C 73 4.31 -23.82 -17.88
CA ILE C 73 3.01 -23.48 -18.42
C ILE C 73 2.68 -24.25 -19.70
N LYS C 74 3.54 -24.13 -20.73
CA LYS C 74 3.35 -24.80 -22.02
C LYS C 74 3.07 -26.27 -21.82
N VAL C 75 3.82 -26.87 -20.91
CA VAL C 75 3.72 -28.30 -20.59
C VAL C 75 2.59 -28.77 -19.68
N LEU C 76 2.46 -28.11 -18.56
CA LEU C 76 1.47 -28.53 -17.58
C LEU C 76 0.09 -27.84 -17.65
N ASN C 77 0.02 -26.62 -18.17
CA ASN C 77 -1.30 -26.05 -18.19
C ASN C 77 -2.19 -26.92 -19.00
N GLY C 78 -3.28 -27.39 -18.39
CA GLY C 78 -4.20 -28.21 -19.15
C GLY C 78 -4.18 -29.69 -18.89
N ILE C 79 -3.23 -30.20 -18.10
CA ILE C 79 -3.24 -31.64 -17.85
C ILE C 79 -4.28 -32.02 -16.81
N THR C 80 -4.75 -33.25 -16.94
CA THR C 80 -5.76 -33.82 -16.07
C THR C 80 -5.26 -34.91 -15.18
N VAL C 81 -5.11 -34.58 -13.91
CA VAL C 81 -4.76 -35.59 -12.91
C VAL C 81 -5.99 -35.73 -11.96
N ARG C 82 -6.37 -36.96 -11.62
CA ARG C 82 -7.51 -37.18 -10.75
C ARG C 82 -8.82 -36.42 -11.05
N ASN C 83 -9.20 -36.34 -12.34
CA ASN C 83 -10.46 -35.70 -12.74
C ASN C 83 -10.53 -34.17 -12.69
N LYS C 84 -9.45 -33.54 -12.26
CA LYS C 84 -9.43 -32.09 -12.20
C LYS C 84 -8.53 -31.61 -13.36
N ARG C 85 -8.95 -30.59 -14.10
CA ARG C 85 -8.13 -30.08 -15.21
C ARG C 85 -7.29 -28.87 -14.78
N LEU C 86 -6.00 -29.12 -14.59
CA LEU C 86 -5.07 -28.09 -14.14
C LEU C 86 -4.90 -26.90 -15.00
N LYS C 87 -4.40 -25.86 -14.38
CA LYS C 87 -4.21 -24.66 -15.10
C LYS C 87 -3.06 -23.95 -14.50
N VAL C 88 -1.99 -23.89 -15.28
CA VAL C 88 -0.79 -23.23 -14.87
C VAL C 88 -0.66 -21.90 -15.55
N SER C 89 -0.55 -20.84 -14.75
CA SER C 89 -0.43 -19.51 -15.28
C SER C 89 0.38 -18.62 -14.35
N TYR C 90 0.72 -17.44 -14.82
CA TYR C 90 1.50 -16.49 -14.04
C TYR C 90 0.72 -15.79 -12.93
N ALA C 91 1.42 -15.43 -11.86
CA ALA C 91 0.79 -14.70 -10.78
C ALA C 91 0.93 -13.20 -11.10
N ARG C 92 2.10 -12.76 -11.58
CA ARG C 92 2.27 -11.34 -11.91
C ARG C 92 2.64 -11.21 -13.38
N PRO C 93 1.62 -11.10 -14.25
CA PRO C 93 1.69 -10.96 -15.71
C PRO C 93 2.30 -9.68 -16.35
N GLU C 96 -5.40 -4.83 -18.17
CA GLU C 96 -4.65 -3.61 -18.59
C GLU C 96 -3.63 -4.01 -19.63
N SER C 97 -2.66 -4.82 -19.23
CA SER C 97 -1.61 -5.30 -20.13
C SER C 97 -2.19 -6.02 -21.37
N ILE C 98 -3.51 -6.24 -21.37
CA ILE C 98 -4.22 -6.88 -22.48
C ILE C 98 -5.57 -6.21 -22.45
N LYS C 99 -5.57 -5.03 -21.83
CA LYS C 99 -6.78 -4.24 -21.68
C LYS C 99 -6.53 -2.76 -22.01
N ASP C 100 -5.26 -2.45 -22.21
CA ASP C 100 -4.79 -1.12 -22.58
C ASP C 100 -3.58 -1.44 -23.46
N THR C 101 -3.29 -2.73 -23.49
CA THR C 101 -2.18 -3.30 -24.24
C THR C 101 -2.76 -4.46 -25.08
N ASN C 102 -3.97 -4.23 -25.59
CA ASN C 102 -4.70 -5.18 -26.43
C ASN C 102 -5.42 -4.42 -27.54
N LEU C 103 -4.93 -4.57 -28.75
CA LEU C 103 -5.47 -3.87 -29.92
C LEU C 103 -6.36 -4.72 -30.83
N TYR C 104 -7.41 -4.13 -31.35
CA TYR C 104 -8.27 -4.86 -32.27
C TYR C 104 -8.09 -4.26 -33.66
N VAL C 105 -7.57 -5.04 -34.59
CA VAL C 105 -7.34 -4.56 -35.96
C VAL C 105 -8.37 -5.06 -36.97
N THR C 106 -8.87 -4.16 -37.82
CA THR C 106 -9.86 -4.59 -38.80
C THR C 106 -9.49 -4.01 -40.14
N ASN C 107 -10.24 -4.45 -41.15
CA ASN C 107 -10.08 -4.05 -42.55
C ASN C 107 -8.72 -4.48 -43.13
N LEU C 108 -8.23 -5.59 -42.62
CA LEU C 108 -6.99 -6.19 -43.07
C LEU C 108 -7.23 -6.91 -44.40
N PRO C 109 -6.12 -7.33 -45.03
CA PRO C 109 -6.14 -8.06 -46.30
C PRO C 109 -6.56 -9.50 -46.00
N ARG C 110 -7.62 -9.99 -46.64
CA ARG C 110 -8.08 -11.38 -46.42
C ARG C 110 -7.01 -12.38 -46.94
N THR C 111 -5.84 -11.86 -47.30
CA THR C 111 -4.72 -12.68 -47.78
C THR C 111 -3.59 -12.52 -46.78
N ILE C 112 -3.85 -11.79 -45.71
CA ILE C 112 -2.84 -11.52 -44.72
C ILE C 112 -2.42 -12.68 -43.81
N THR C 113 -1.13 -12.71 -43.53
CA THR C 113 -0.47 -13.71 -42.69
C THR C 113 0.37 -13.01 -41.61
N ASP C 114 0.70 -13.74 -40.54
CA ASP C 114 1.49 -13.16 -39.45
C ASP C 114 2.76 -12.41 -39.85
N ASP C 115 3.44 -12.90 -40.87
CA ASP C 115 4.68 -12.25 -41.32
C ASP C 115 4.38 -10.78 -41.60
N GLN C 116 3.46 -10.55 -42.54
CA GLN C 116 3.03 -9.21 -42.95
C GLN C 116 2.51 -8.47 -41.72
N LEU C 117 1.82 -9.22 -40.88
CA LEU C 117 1.24 -8.68 -39.66
C LEU C 117 2.38 -8.22 -38.77
N ASP C 118 3.28 -9.14 -38.49
CA ASP C 118 4.47 -8.90 -37.69
C ASP C 118 5.31 -7.76 -38.32
N THR C 119 5.56 -7.89 -39.62
CA THR C 119 6.32 -6.91 -40.39
C THR C 119 5.70 -5.52 -40.23
N ILE C 120 4.47 -5.50 -39.74
CA ILE C 120 3.74 -4.26 -39.55
C ILE C 120 3.70 -3.74 -38.13
N PHE C 121 3.63 -4.66 -37.18
CA PHE C 121 3.54 -4.27 -35.79
C PHE C 121 4.80 -4.20 -34.96
N GLY C 122 5.76 -5.12 -35.20
CA GLY C 122 7.01 -5.14 -34.43
C GLY C 122 7.71 -3.80 -34.52
N LYS C 123 7.25 -3.03 -35.49
CA LYS C 123 7.74 -1.70 -35.79
C LYS C 123 7.55 -0.78 -34.62
N TYR C 124 6.53 -1.10 -33.83
CA TYR C 124 6.09 -0.35 -32.67
C TYR C 124 6.39 -0.95 -31.33
N GLY C 125 6.95 -2.13 -31.31
CA GLY C 125 7.23 -2.68 -30.02
C GLY C 125 7.06 -4.16 -30.01
N SER C 126 7.45 -4.71 -28.88
CA SER C 126 7.39 -6.12 -28.60
C SER C 126 5.97 -6.56 -28.88
N ILE C 127 5.82 -7.61 -29.70
CA ILE C 127 4.47 -8.10 -30.02
C ILE C 127 4.20 -9.36 -29.21
N VAL C 128 3.70 -9.13 -28.01
CA VAL C 128 3.42 -10.20 -27.06
C VAL C 128 2.39 -11.23 -27.47
N GLN C 129 1.79 -11.06 -28.64
CA GLN C 129 0.79 -12.03 -29.10
C GLN C 129 -0.03 -11.48 -30.20
N LYS C 130 -0.06 -12.23 -31.29
CA LYS C 130 -0.86 -11.86 -32.44
C LYS C 130 -1.88 -12.97 -32.67
N ASN C 131 -3.04 -12.59 -33.15
CA ASN C 131 -4.11 -13.56 -33.38
C ASN C 131 -4.98 -13.23 -34.62
N ILE C 132 -4.72 -13.91 -35.75
CA ILE C 132 -5.51 -13.68 -36.96
C ILE C 132 -6.79 -14.49 -37.00
N LEU C 133 -7.94 -13.82 -36.90
CA LEU C 133 -9.23 -14.50 -36.95
C LEU C 133 -9.51 -15.03 -38.35
N ARG C 134 -9.69 -16.35 -38.44
CA ARG C 134 -9.96 -17.02 -39.70
C ARG C 134 -11.42 -17.47 -39.75
N ASP C 135 -11.82 -18.00 -40.89
CA ASP C 135 -13.17 -18.48 -41.07
C ASP C 135 -13.20 -19.92 -40.59
N LYS C 136 -14.23 -20.25 -39.84
CA LYS C 136 -14.38 -21.58 -39.30
C LYS C 136 -14.50 -22.56 -40.44
N LEU C 137 -15.54 -22.38 -41.22
CA LEU C 137 -15.81 -23.23 -42.37
C LEU C 137 -14.65 -23.15 -43.36
N THR C 138 -14.47 -21.95 -43.90
CA THR C 138 -13.47 -21.66 -44.92
C THR C 138 -12.00 -21.53 -44.54
N GLY C 139 -11.71 -21.22 -43.29
CA GLY C 139 -10.31 -21.11 -42.91
C GLY C 139 -9.59 -19.91 -43.49
N ARG C 140 -10.11 -19.28 -44.54
CA ARG C 140 -9.41 -18.11 -45.05
C ARG C 140 -9.58 -17.09 -43.93
N PRO C 141 -8.62 -16.21 -43.75
CA PRO C 141 -8.85 -15.28 -42.67
C PRO C 141 -9.89 -14.29 -43.07
N ARG C 142 -10.00 -13.26 -42.25
CA ARG C 142 -10.93 -12.17 -42.46
C ARG C 142 -10.06 -10.91 -42.30
N GLY C 143 -10.65 -9.73 -42.45
CA GLY C 143 -9.88 -8.49 -42.32
C GLY C 143 -9.57 -8.10 -40.88
N VAL C 144 -9.94 -8.98 -39.95
CA VAL C 144 -9.72 -8.71 -38.53
C VAL C 144 -8.68 -9.62 -37.87
N ALA C 145 -8.18 -9.16 -36.72
CA ALA C 145 -7.21 -9.89 -35.93
C ALA C 145 -6.96 -9.11 -34.65
N PHE C 146 -6.21 -9.72 -33.76
CA PHE C 146 -5.87 -9.10 -32.48
C PHE C 146 -4.36 -9.03 -32.30
N VAL C 147 -3.88 -7.91 -31.76
CA VAL C 147 -2.46 -7.80 -31.49
C VAL C 147 -2.29 -7.08 -30.16
N ARG C 148 -1.79 -7.80 -29.16
CA ARG C 148 -1.58 -7.19 -27.87
C ARG C 148 -0.09 -6.92 -27.72
N TYR C 149 0.26 -5.71 -27.32
CA TYR C 149 1.65 -5.32 -27.12
C TYR C 149 2.03 -5.63 -25.66
N ASN C 150 3.10 -4.95 -25.20
CA ASN C 150 3.64 -5.11 -23.84
C ASN C 150 3.43 -3.84 -22.98
N LYS C 151 3.79 -2.70 -23.58
CA LYS C 151 3.62 -1.40 -22.96
C LYS C 151 2.45 -0.78 -23.71
N ARG C 152 1.50 -0.22 -22.97
CA ARG C 152 0.35 0.42 -23.58
C ARG C 152 0.89 1.56 -24.48
N GLU C 153 2.16 1.88 -24.26
CA GLU C 153 2.83 2.94 -24.99
C GLU C 153 3.13 2.62 -26.47
N GLU C 154 3.57 1.39 -26.74
CA GLU C 154 3.82 0.99 -28.12
C GLU C 154 2.44 0.96 -28.76
N ALA C 155 1.55 0.24 -28.07
CA ALA C 155 0.16 0.07 -28.47
C ALA C 155 -0.33 1.43 -28.89
N GLN C 156 -0.08 2.43 -28.05
CA GLN C 156 -0.50 3.78 -28.36
C GLN C 156 0.18 4.41 -29.58
N GLU C 157 1.50 4.16 -29.74
CA GLU C 157 2.22 4.70 -30.89
C GLU C 157 1.66 4.00 -32.14
N ALA C 158 1.24 2.75 -31.94
CA ALA C 158 0.68 1.93 -33.01
C ALA C 158 -0.65 2.56 -33.46
N ILE C 159 -1.56 2.76 -32.52
CA ILE C 159 -2.86 3.33 -32.84
C ILE C 159 -2.83 4.68 -33.56
N SER C 160 -1.90 5.55 -33.21
CA SER C 160 -1.84 6.86 -33.86
C SER C 160 -1.30 6.64 -35.27
N ALA C 161 -0.24 5.85 -35.33
CA ALA C 161 0.43 5.53 -36.58
C ALA C 161 -0.43 4.80 -37.60
N LEU C 162 -0.82 3.58 -37.25
CA LEU C 162 -1.55 2.68 -38.14
C LEU C 162 -3.03 2.87 -38.56
N ASN C 163 -3.78 3.76 -37.92
CA ASN C 163 -5.15 3.90 -38.37
C ASN C 163 -5.25 4.43 -39.80
N ASN C 164 -5.86 3.63 -40.66
CA ASN C 164 -6.01 3.94 -42.11
C ASN C 164 -4.64 3.79 -42.91
N VAL C 165 -4.17 2.58 -43.30
CA VAL C 165 -2.86 2.48 -43.99
C VAL C 165 -2.50 3.81 -44.64
N PRO C 173 -5.89 1.51 -46.24
CA PRO C 173 -7.06 1.05 -45.44
C PRO C 173 -6.57 0.36 -44.16
N LEU C 174 -7.33 0.44 -43.07
CA LEU C 174 -7.03 -0.21 -41.76
C LEU C 174 -7.53 0.54 -40.59
N SER C 175 -7.90 -0.19 -39.54
CA SER C 175 -8.37 0.46 -38.32
C SER C 175 -7.94 -0.31 -37.09
N VAL C 176 -7.34 0.43 -36.15
CA VAL C 176 -6.84 -0.12 -34.89
C VAL C 176 -7.40 0.57 -33.64
N ARG C 177 -7.56 -0.20 -32.58
CA ARG C 177 -8.08 0.35 -31.36
C ARG C 177 -7.98 -0.75 -30.32
N LEU C 178 -8.45 -0.47 -29.12
CA LEU C 178 -8.37 -1.48 -28.07
C LEU C 178 -9.62 -2.38 -27.97
N ALA C 179 -9.51 -3.41 -27.12
CA ALA C 179 -10.61 -4.31 -26.86
C ALA C 179 -11.90 -3.47 -26.80
#